data_6NOJ
#
_entry.id   6NOJ
#
_cell.length_a   83.803
_cell.length_b   96.941
_cell.length_c   32.658
_cell.angle_alpha   90.00
_cell.angle_beta   90.00
_cell.angle_gamma   90.00
#
_symmetry.space_group_name_H-M   'P 21 21 2'
#
loop_
_entity.id
_entity.type
_entity.pdbx_description
1 polymer 'Programmed cell death 1 ligand 1'
2 non-polymer 'methyl 3-amino-4-(2-fluorophenyl)-1H-pyrrole-2-carboxylate'
3 water water
#
_entity_poly.entity_id   1
_entity_poly.type   'polypeptide(L)'
_entity_poly.pdbx_seq_one_letter_code
;AFTVTVPKDLYVVEYGSNMTIECKFPVEKQLDLAALIVYWEMEDKNIIQFVHGEEDLKTQHSSYRQRARLLKDQLSLGNA
ALQITDVKLQDAGVYRCMISYGGADYKRITVKVNAPYAAALHHHHHH
;
_entity_poly.pdbx_strand_id   A,B
#
# COMPACT_ATOMS: atom_id res chain seq x y z
N ALA A 1 -2.58 -16.72 8.90
CA ALA A 1 -3.31 -15.46 8.95
C ALA A 1 -3.92 -15.18 7.57
N PHE A 2 -4.62 -14.06 7.43
CA PHE A 2 -5.18 -13.68 6.15
C PHE A 2 -4.03 -13.25 5.22
N THR A 3 -3.89 -13.91 4.07
CA THR A 3 -2.76 -13.66 3.19
C THR A 3 -3.21 -13.55 1.74
N VAL A 4 -2.77 -12.53 1.08
CA VAL A 4 -2.95 -12.40 -0.36
C VAL A 4 -1.79 -13.10 -1.04
N THR A 5 -2.08 -13.91 -2.07
CA THR A 5 -1.04 -14.60 -2.81
C THR A 5 -1.17 -14.23 -4.29
N VAL A 6 -0.03 -14.20 -4.98
CA VAL A 6 0.05 -13.94 -6.42
C VAL A 6 0.75 -15.14 -7.04
N PRO A 7 0.10 -15.91 -7.92
CA PRO A 7 0.80 -17.05 -8.54
C PRO A 7 2.07 -16.63 -9.26
N LYS A 8 2.09 -15.45 -9.87
CA LYS A 8 3.27 -14.94 -10.58
C LYS A 8 3.59 -13.55 -10.06
N ASP A 9 4.82 -13.36 -9.60
CA ASP A 9 5.25 -12.03 -9.20
C ASP A 9 5.89 -11.23 -10.36
N LEU A 10 6.03 -11.82 -11.53
CA LEU A 10 6.61 -11.12 -12.66
C LEU A 10 5.91 -11.48 -13.96
N TYR A 11 5.45 -10.46 -14.69
CA TYR A 11 4.89 -10.65 -16.02
C TYR A 11 5.78 -9.97 -17.07
N VAL A 12 6.02 -10.67 -18.18
CA VAL A 12 6.66 -10.05 -19.32
C VAL A 12 5.63 -10.03 -20.45
N VAL A 13 5.22 -8.84 -20.86
CA VAL A 13 4.16 -8.67 -21.84
C VAL A 13 4.70 -7.86 -23.02
N GLU A 14 4.14 -8.11 -24.21
CA GLU A 14 4.48 -7.40 -25.44
C GLU A 14 3.62 -6.14 -25.61
N TYR A 15 4.27 -5.06 -26.05
CA TYR A 15 3.58 -3.83 -26.37
C TYR A 15 2.35 -4.10 -27.21
N GLY A 16 1.23 -3.49 -26.84
CA GLY A 16 0.02 -3.59 -27.64
C GLY A 16 -0.89 -4.77 -27.32
N SER A 17 -0.48 -5.65 -26.41
CA SER A 17 -1.30 -6.80 -26.07
C SER A 17 -2.12 -6.54 -24.80
N ASN A 18 -2.99 -7.48 -24.48
CA ASN A 18 -3.76 -7.44 -23.25
C ASN A 18 -3.05 -8.29 -22.21
N MET A 19 -3.22 -7.92 -20.94
CA MET A 19 -2.61 -8.67 -19.86
C MET A 19 -3.61 -8.78 -18.72
N THR A 20 -3.58 -9.92 -18.04
CA THR A 20 -4.37 -10.13 -16.85
C THR A 20 -3.42 -10.52 -15.72
N ILE A 21 -3.48 -9.78 -14.63
CA ILE A 21 -2.60 -9.95 -13.49
C ILE A 21 -3.40 -10.57 -12.37
N GLU A 22 -2.96 -11.72 -11.91
CA GLU A 22 -3.79 -12.51 -11.02
C GLU A 22 -3.46 -12.21 -9.57
N CYS A 23 -4.48 -12.30 -8.71
CA CYS A 23 -4.22 -11.97 -7.33
C CYS A 23 -5.25 -12.67 -6.45
N LYS A 24 -4.80 -13.57 -5.61
CA LYS A 24 -5.70 -14.39 -4.86
C LYS A 24 -5.86 -14.12 -3.40
N PHE A 25 -7.00 -14.50 -2.86
CA PHE A 25 -7.29 -14.27 -1.46
C PHE A 25 -8.33 -15.29 -1.00
N PRO A 26 -8.29 -15.71 0.26
CA PRO A 26 -9.19 -16.77 0.73
C PRO A 26 -10.65 -16.33 0.77
N VAL A 27 -11.54 -17.19 0.28
CA VAL A 27 -12.98 -16.98 0.44
C VAL A 27 -13.55 -18.18 1.18
N GLU A 28 -13.95 -17.95 2.43
CA GLU A 28 -14.37 -19.04 3.32
C GLU A 28 -15.61 -19.74 2.78
N LYS A 29 -16.78 -19.11 2.93
CA LYS A 29 -18.03 -19.72 2.51
C LYS A 29 -18.53 -18.98 1.26
N GLN A 30 -19.54 -18.11 1.38
CA GLN A 30 -20.00 -17.31 0.25
C GLN A 30 -19.53 -15.89 0.45
N LEU A 31 -19.19 -15.22 -0.66
CA LEU A 31 -18.47 -13.95 -0.61
C LEU A 31 -19.36 -12.81 -0.12
N ASP A 32 -18.79 -11.96 0.74
CA ASP A 32 -19.49 -10.83 1.32
C ASP A 32 -18.96 -9.54 0.71
N LEU A 33 -19.69 -9.04 -0.29
CA LEU A 33 -19.25 -7.88 -1.06
C LEU A 33 -19.14 -6.66 -0.18
N ALA A 34 -20.06 -6.52 0.78
CA ALA A 34 -20.05 -5.33 1.62
C ALA A 34 -18.76 -5.20 2.40
N ALA A 35 -18.03 -6.29 2.60
CA ALA A 35 -16.77 -6.27 3.33
C ALA A 35 -15.53 -6.31 2.42
N LEU A 36 -15.71 -6.44 1.11
CA LEU A 36 -14.58 -6.64 0.24
C LEU A 36 -14.11 -5.29 -0.27
N ILE A 37 -12.82 -5.03 -0.11
CA ILE A 37 -12.20 -3.86 -0.70
C ILE A 37 -11.01 -4.33 -1.51
N VAL A 38 -10.93 -3.91 -2.77
CA VAL A 38 -9.76 -4.21 -3.59
C VAL A 38 -9.20 -2.90 -4.12
N TYR A 39 -7.93 -2.62 -3.85
CA TYR A 39 -7.20 -1.58 -4.58
C TYR A 39 -6.20 -2.26 -5.49
N TRP A 40 -6.10 -1.74 -6.71
CA TRP A 40 -5.03 -2.05 -7.64
C TRP A 40 -4.32 -0.74 -7.94
N GLU A 41 -3.01 -0.70 -7.70
CA GLU A 41 -2.27 0.51 -8.01
C GLU A 41 -0.91 0.14 -8.59
N MET A 42 -0.26 1.10 -9.23
CA MET A 42 1.08 0.90 -9.79
C MET A 42 1.88 2.14 -9.43
N GLU A 43 2.91 1.94 -8.61
CA GLU A 43 3.77 3.02 -8.12
C GLU A 43 2.97 4.31 -7.86
N ASP A 44 2.02 4.21 -6.94
CA ASP A 44 1.24 5.33 -6.41
C ASP A 44 0.13 5.82 -7.35
N LYS A 45 -0.03 5.22 -8.52
CA LYS A 45 -1.11 5.59 -9.43
C LYS A 45 -2.22 4.60 -9.20
N ASN A 46 -3.38 5.09 -8.79
CA ASN A 46 -4.52 4.20 -8.59
C ASN A 46 -4.98 3.68 -9.95
N ILE A 47 -5.19 2.38 -10.05
CA ILE A 47 -5.74 1.76 -11.24
C ILE A 47 -7.21 1.43 -11.06
N ILE A 48 -7.55 0.83 -9.92
CA ILE A 48 -8.89 0.33 -9.69
C ILE A 48 -9.17 0.39 -8.19
N GLN A 49 -10.36 0.86 -7.80
CA GLN A 49 -10.83 0.61 -6.44
C GLN A 49 -12.13 -0.17 -6.54
N PHE A 50 -12.30 -1.17 -5.69
CA PHE A 50 -13.50 -2.00 -5.70
C PHE A 50 -14.08 -1.94 -4.29
N VAL A 51 -15.21 -1.23 -4.14
CA VAL A 51 -15.87 -1.05 -2.85
C VAL A 51 -17.35 -1.33 -2.99
N HIS A 52 -17.92 -1.98 -1.98
CA HIS A 52 -19.36 -2.27 -1.99
C HIS A 52 -19.77 -2.89 -3.32
N GLY A 53 -19.06 -3.93 -3.72
CA GLY A 53 -19.55 -4.64 -4.88
C GLY A 53 -19.49 -3.88 -6.17
N GLU A 54 -18.80 -2.73 -6.23
CA GLU A 54 -18.68 -2.04 -7.51
C GLU A 54 -17.32 -1.39 -7.71
N GLU A 55 -16.96 -1.33 -8.99
CA GLU A 55 -15.79 -0.63 -9.46
C GLU A 55 -15.97 0.86 -9.24
N ASP A 56 -14.97 1.47 -8.63
CA ASP A 56 -14.87 2.90 -8.47
C ASP A 56 -13.60 3.36 -9.17
N LEU A 57 -13.78 4.37 -10.03
CA LEU A 57 -12.68 4.94 -10.78
C LEU A 57 -12.58 6.45 -10.64
N LYS A 58 -13.30 7.06 -9.71
CA LYS A 58 -13.25 8.52 -9.42
C LYS A 58 -11.86 8.99 -9.03
N THR A 59 -10.97 8.09 -8.65
CA THR A 59 -9.60 8.46 -8.38
C THR A 59 -8.59 7.68 -9.22
N GLN A 60 -9.07 7.00 -10.25
CA GLN A 60 -8.20 6.26 -11.15
C GLN A 60 -7.26 7.23 -11.86
N HIS A 61 -5.97 6.89 -11.88
CA HIS A 61 -5.00 7.72 -12.59
C HIS A 61 -5.27 7.71 -14.09
N SER A 62 -4.93 8.83 -14.73
CA SER A 62 -5.31 9.08 -16.11
C SER A 62 -4.64 8.13 -17.11
N SER A 63 -3.46 7.61 -16.79
CA SER A 63 -2.77 6.71 -17.72
C SER A 63 -3.52 5.42 -17.96
N TYR A 64 -4.52 5.10 -17.15
CA TYR A 64 -5.26 3.86 -17.25
C TYR A 64 -6.69 4.08 -17.70
N ARG A 65 -7.06 5.32 -18.05
CA ARG A 65 -8.40 5.62 -18.52
C ARG A 65 -8.81 4.63 -19.58
N GLN A 66 -9.95 3.96 -19.34
CA GLN A 66 -10.64 3.09 -20.29
C GLN A 66 -9.92 1.77 -20.55
N ARG A 67 -8.75 1.55 -19.93
CA ARG A 67 -7.93 0.39 -20.24
C ARG A 67 -7.89 -0.65 -19.13
N ALA A 68 -8.39 -0.33 -17.94
CA ALA A 68 -8.34 -1.21 -16.78
C ALA A 68 -9.75 -1.71 -16.42
N ARG A 69 -9.84 -2.99 -16.02
CA ARG A 69 -11.07 -3.47 -15.42
C ARG A 69 -10.73 -4.63 -14.49
N LEU A 70 -11.51 -4.76 -13.43
CA LEU A 70 -11.40 -5.87 -12.51
C LEU A 70 -12.44 -6.92 -12.89
N LEU A 71 -12.01 -8.18 -13.05
CA LEU A 71 -12.91 -9.22 -13.51
C LEU A 71 -13.86 -9.58 -12.36
N LYS A 72 -15.06 -8.99 -12.37
CA LYS A 72 -15.98 -9.12 -11.26
C LYS A 72 -16.37 -10.57 -11.00
N ASP A 73 -16.47 -11.40 -12.05
CA ASP A 73 -17.04 -12.74 -11.92
C ASP A 73 -16.20 -13.64 -11.02
N GLN A 74 -14.88 -13.46 -11.04
CA GLN A 74 -13.97 -14.33 -10.32
C GLN A 74 -13.79 -13.94 -8.86
N LEU A 75 -14.25 -12.75 -8.45
CA LEU A 75 -14.16 -12.37 -7.04
C LEU A 75 -14.76 -13.41 -6.11
N SER A 76 -15.93 -13.93 -6.45
CA SER A 76 -16.56 -14.94 -5.62
C SER A 76 -15.70 -16.20 -5.49
N LEU A 77 -14.70 -16.34 -6.34
CA LEU A 77 -13.77 -17.44 -6.28
C LEU A 77 -12.49 -17.06 -5.55
N GLY A 78 -12.37 -15.82 -5.08
CA GLY A 78 -11.12 -15.36 -4.49
C GLY A 78 -10.07 -14.94 -5.48
N ASN A 79 -10.45 -14.52 -6.68
CA ASN A 79 -9.52 -14.11 -7.72
C ASN A 79 -9.80 -12.66 -8.06
N ALA A 80 -8.88 -11.77 -7.68
CA ALA A 80 -8.99 -10.35 -7.98
C ALA A 80 -8.10 -9.99 -9.17
N ALA A 81 -8.45 -10.55 -10.32
CA ALA A 81 -7.64 -10.40 -11.52
C ALA A 81 -7.83 -9.02 -12.14
N LEU A 82 -6.72 -8.35 -12.45
CA LEU A 82 -6.77 -7.06 -13.11
C LEU A 82 -6.43 -7.23 -14.59
N GLN A 83 -7.29 -6.73 -15.47
CA GLN A 83 -7.08 -6.84 -16.90
C GLN A 83 -6.78 -5.45 -17.46
N ILE A 84 -5.64 -5.32 -18.12
CA ILE A 84 -5.19 -4.10 -18.79
C ILE A 84 -5.17 -4.37 -20.28
N THR A 85 -5.92 -3.59 -21.05
CA THR A 85 -5.96 -3.78 -22.51
C THR A 85 -4.95 -2.87 -23.20
N ASP A 86 -4.42 -3.35 -24.34
CA ASP A 86 -3.37 -2.69 -25.14
C ASP A 86 -2.27 -2.08 -24.29
N VAL A 87 -1.36 -2.90 -23.79
CA VAL A 87 -0.38 -2.46 -22.82
C VAL A 87 0.64 -1.54 -23.46
N LYS A 88 1.03 -0.49 -22.74
CA LYS A 88 1.97 0.52 -23.20
C LYS A 88 3.24 0.45 -22.37
N LEU A 89 4.30 1.09 -22.90
CA LEU A 89 5.56 1.15 -22.17
C LEU A 89 5.39 1.81 -20.81
N GLN A 90 4.47 2.77 -20.70
CA GLN A 90 4.26 3.43 -19.42
C GLN A 90 3.64 2.48 -18.41
N ASP A 91 3.15 1.32 -18.86
CA ASP A 91 2.57 0.35 -17.93
C ASP A 91 3.63 -0.50 -17.24
N ALA A 92 4.88 -0.46 -17.65
CA ALA A 92 5.91 -1.21 -16.98
C ALA A 92 6.14 -0.63 -15.59
N GLY A 93 6.38 -1.50 -14.61
CA GLY A 93 6.67 -1.07 -13.24
C GLY A 93 6.09 -2.06 -12.22
N VAL A 94 6.01 -1.60 -10.97
CA VAL A 94 5.61 -2.41 -9.81
C VAL A 94 4.16 -2.08 -9.45
N TYR A 95 3.29 -3.09 -9.55
CA TYR A 95 1.89 -3.04 -9.16
C TYR A 95 1.72 -3.58 -7.75
N ARG A 96 0.70 -3.11 -7.08
CA ARG A 96 0.33 -3.63 -5.79
C ARG A 96 -1.15 -4.01 -5.85
N CYS A 97 -1.43 -5.25 -5.43
CA CYS A 97 -2.79 -5.76 -5.23
C CYS A 97 -3.04 -5.71 -3.72
N MET A 98 -3.96 -4.84 -3.30
CA MET A 98 -4.29 -4.64 -1.88
C MET A 98 -5.72 -5.11 -1.62
N ILE A 99 -5.86 -6.08 -0.72
CA ILE A 99 -7.19 -6.65 -0.46
C ILE A 99 -7.52 -6.60 1.03
N SER A 100 -8.72 -6.13 1.33
CA SER A 100 -9.27 -6.20 2.67
C SER A 100 -10.53 -7.05 2.65
N TYR A 101 -10.53 -8.12 3.45
CA TYR A 101 -11.66 -9.02 3.53
C TYR A 101 -11.59 -9.83 4.83
N GLY A 102 -12.09 -9.25 5.92
CA GLY A 102 -11.93 -9.86 7.23
C GLY A 102 -10.46 -10.10 7.51
N GLY A 103 -9.68 -9.05 7.53
CA GLY A 103 -8.25 -9.14 7.38
C GLY A 103 -7.78 -8.34 6.18
N ALA A 104 -6.49 -8.08 6.13
CA ALA A 104 -5.99 -7.21 5.07
C ALA A 104 -4.54 -7.53 4.76
N ASP A 105 -4.22 -7.52 3.46
CA ASP A 105 -2.85 -7.82 3.02
C ASP A 105 -2.68 -7.24 1.63
N TYR A 106 -1.43 -7.21 1.17
CA TYR A 106 -1.17 -6.82 -0.22
C TYR A 106 0.05 -7.56 -0.74
N LYS A 107 0.16 -7.60 -2.06
CA LYS A 107 1.36 -8.18 -2.69
C LYS A 107 1.77 -7.32 -3.86
N ARG A 108 3.08 -7.40 -4.19
CA ARG A 108 3.64 -6.67 -5.31
C ARG A 108 3.87 -7.58 -6.51
N ILE A 109 3.73 -7.00 -7.70
CA ILE A 109 3.94 -7.72 -8.96
C ILE A 109 4.70 -6.81 -9.91
N THR A 110 5.77 -7.32 -10.49
CA THR A 110 6.51 -6.54 -11.48
C THR A 110 6.01 -6.89 -12.87
N VAL A 111 5.77 -5.86 -13.68
CA VAL A 111 5.44 -6.01 -15.09
C VAL A 111 6.57 -5.40 -15.91
N LYS A 112 7.12 -6.19 -16.84
CA LYS A 112 8.05 -5.71 -17.86
C LYS A 112 7.33 -5.71 -19.21
N VAL A 113 7.63 -4.70 -20.03
CA VAL A 113 7.03 -4.56 -21.36
C VAL A 113 8.16 -4.55 -22.40
N ASN A 114 8.16 -5.55 -23.30
CA ASN A 114 8.99 -5.54 -24.50
C ASN A 114 8.32 -4.77 -25.64
N ALA A 115 9.10 -4.00 -26.37
CA ALA A 115 8.46 -3.28 -27.45
C ALA A 115 9.41 -3.19 -28.64
N PRO A 116 8.90 -3.16 -29.86
CA PRO A 116 9.76 -2.93 -31.01
C PRO A 116 10.35 -1.54 -30.94
N TYR A 117 11.37 -1.33 -31.79
CA TYR A 117 12.11 -0.09 -31.79
C TYR A 117 11.23 1.13 -32.03
N ALA A 118 10.26 1.01 -32.95
CA ALA A 118 9.47 2.19 -33.29
C ALA A 118 8.67 2.68 -32.10
N ALA A 119 8.01 1.78 -31.38
CA ALA A 119 7.24 2.18 -30.21
C ALA A 119 8.16 2.73 -29.13
N ALA A 120 9.32 2.10 -28.93
CA ALA A 120 10.23 2.59 -27.91
C ALA A 120 10.74 3.98 -28.23
N LEU A 121 11.01 4.23 -29.51
CA LEU A 121 11.48 5.54 -29.95
C LEU A 121 10.41 6.59 -29.71
N HIS A 122 9.18 6.27 -30.07
CA HIS A 122 8.09 7.22 -29.85
C HIS A 122 7.97 7.56 -28.37
N HIS A 123 8.10 6.55 -27.50
CA HIS A 123 8.06 6.81 -26.07
C HIS A 123 9.28 7.60 -25.58
N HIS A 124 10.44 7.39 -26.19
CA HIS A 124 11.64 8.08 -25.74
C HIS A 124 11.53 9.59 -25.95
N HIS A 125 10.85 10.01 -27.03
CA HIS A 125 10.56 11.43 -27.28
C HIS A 125 9.04 11.65 -27.17
N ALA B 1 -17.43 7.42 2.40
CA ALA B 1 -16.92 6.08 2.65
C ALA B 1 -15.86 6.08 3.77
N PHE B 2 -15.38 4.89 4.15
CA PHE B 2 -14.31 4.81 5.13
C PHE B 2 -13.03 5.34 4.51
N THR B 3 -12.45 6.37 5.15
CA THR B 3 -11.33 7.11 4.60
C THR B 3 -10.30 7.35 5.69
N VAL B 4 -9.05 7.11 5.36
CA VAL B 4 -7.90 7.45 6.21
C VAL B 4 -7.45 8.86 5.86
N THR B 5 -7.14 9.66 6.89
CA THR B 5 -6.66 11.03 6.71
C THR B 5 -5.39 11.26 7.52
N VAL B 6 -4.58 12.19 7.05
CA VAL B 6 -3.35 12.57 7.75
C VAL B 6 -3.39 14.07 8.01
N PRO B 7 -3.28 14.51 9.26
CA PRO B 7 -3.23 15.95 9.51
C PRO B 7 -2.06 16.63 8.80
N LYS B 8 -0.92 15.94 8.65
CA LYS B 8 0.25 16.47 7.96
C LYS B 8 0.72 15.43 6.95
N ASP B 9 0.88 15.83 5.70
CA ASP B 9 1.45 14.90 4.74
C ASP B 9 2.96 15.05 4.58
N LEU B 10 3.59 15.99 5.27
CA LEU B 10 5.03 16.15 5.19
C LEU B 10 5.56 16.51 6.57
N TYR B 11 6.55 15.76 7.03
CA TYR B 11 7.27 16.05 8.27
C TYR B 11 8.72 16.39 7.93
N VAL B 12 9.24 17.43 8.53
CA VAL B 12 10.66 17.77 8.43
C VAL B 12 11.26 17.57 9.83
N VAL B 13 12.17 16.60 9.95
CA VAL B 13 12.68 16.20 11.26
C VAL B 13 14.18 16.42 11.32
N GLU B 14 14.69 16.77 12.51
CA GLU B 14 16.13 16.92 12.69
C GLU B 14 16.76 15.59 13.06
N TYR B 15 17.93 15.30 12.45
CA TYR B 15 18.70 14.10 12.79
C TYR B 15 18.80 13.95 14.30
N GLY B 16 18.51 12.75 14.79
CA GLY B 16 18.68 12.50 16.20
C GLY B 16 17.51 12.86 17.07
N SER B 17 16.45 13.41 16.52
CA SER B 17 15.28 13.72 17.31
C SER B 17 14.24 12.61 17.14
N ASN B 18 13.17 12.72 17.92
CA ASN B 18 12.05 11.80 17.88
C ASN B 18 10.96 12.31 16.96
N MET B 19 10.20 11.39 16.38
CA MET B 19 9.18 11.77 15.41
C MET B 19 7.89 10.97 15.62
N THR B 20 6.75 11.66 15.57
CA THR B 20 5.48 10.96 15.66
C THR B 20 4.60 11.39 14.50
N ILE B 21 4.26 10.44 13.61
CA ILE B 21 3.50 10.75 12.42
C ILE B 21 2.11 10.18 12.58
N GLU B 22 1.12 11.05 12.39
CA GLU B 22 -0.27 10.78 12.71
C GLU B 22 -1.00 10.24 11.50
N CYS B 23 -2.02 9.44 11.81
CA CYS B 23 -2.82 8.81 10.77
C CYS B 23 -4.18 8.51 11.36
N LYS B 24 -5.23 9.15 10.85
CA LYS B 24 -6.55 9.11 11.46
C LYS B 24 -7.51 8.24 10.65
N PHE B 25 -8.52 7.71 11.35
CA PHE B 25 -9.56 6.87 10.75
C PHE B 25 -10.79 6.94 11.64
N PRO B 26 -11.99 6.81 11.06
CA PRO B 26 -13.23 6.96 11.84
C PRO B 26 -13.44 5.81 12.79
N VAL B 27 -13.78 6.13 14.03
CA VAL B 27 -14.16 5.14 15.03
C VAL B 27 -15.57 5.49 15.48
N GLU B 28 -16.54 4.62 15.16
CA GLU B 28 -17.95 4.95 15.44
C GLU B 28 -18.14 5.14 16.94
N LYS B 29 -18.15 4.03 17.70
CA LYS B 29 -18.42 4.11 19.13
C LYS B 29 -17.07 3.84 19.83
N GLN B 30 -16.86 2.65 20.36
CA GLN B 30 -15.58 2.28 20.94
C GLN B 30 -14.83 1.39 19.96
N LEU B 31 -13.51 1.49 19.96
CA LEU B 31 -12.74 0.77 18.96
C LEU B 31 -12.83 -0.73 19.24
N ASP B 32 -13.00 -1.52 18.19
CA ASP B 32 -13.12 -2.97 18.29
C ASP B 32 -11.82 -3.56 17.74
N LEU B 33 -10.94 -3.95 18.65
CA LEU B 33 -9.61 -4.42 18.26
C LEU B 33 -9.68 -5.63 17.36
N ALA B 34 -10.63 -6.53 17.60
CA ALA B 34 -10.74 -7.74 16.81
C ALA B 34 -10.95 -7.45 15.34
N ALA B 35 -11.44 -6.25 14.99
CA ALA B 35 -11.67 -5.91 13.61
C ALA B 35 -10.58 -5.02 13.02
N LEU B 36 -9.59 -4.59 13.84
CA LEU B 36 -8.65 -3.56 13.43
C LEU B 36 -7.37 -4.15 12.86
N ILE B 37 -6.96 -3.66 11.70
CA ILE B 37 -5.62 -3.93 11.19
C ILE B 37 -4.96 -2.59 10.90
N VAL B 38 -3.74 -2.41 11.43
CA VAL B 38 -2.92 -1.22 11.18
C VAL B 38 -1.59 -1.66 10.61
N TYR B 39 -1.16 -1.06 9.50
CA TYR B 39 0.10 -1.47 8.91
C TYR B 39 0.90 -0.24 8.51
N TRP B 40 2.10 -0.11 9.06
CA TRP B 40 2.98 1.02 8.76
C TRP B 40 4.21 0.50 8.03
N GLU B 41 4.47 1.07 6.87
CA GLU B 41 5.61 0.67 6.08
C GLU B 41 6.30 1.91 5.56
N MET B 42 7.53 1.73 5.11
CA MET B 42 8.32 2.81 4.52
C MET B 42 9.07 2.22 3.33
N GLU B 43 8.74 2.69 2.13
CA GLU B 43 9.33 2.23 0.87
C GLU B 43 9.65 0.74 0.88
N ASP B 44 8.60 -0.04 1.09
CA ASP B 44 8.58 -1.52 1.07
C ASP B 44 9.09 -2.20 2.35
N LYS B 45 9.57 -1.48 3.35
CA LYS B 45 10.02 -2.13 4.58
C LYS B 45 8.96 -1.99 5.66
N ASN B 46 8.50 -3.12 6.17
CA ASN B 46 7.48 -3.12 7.20
C ASN B 46 8.02 -2.46 8.46
N ILE B 47 7.25 -1.55 9.03
CA ILE B 47 7.61 -0.95 10.30
C ILE B 47 6.81 -1.56 11.44
N ILE B 48 5.51 -1.69 11.25
CA ILE B 48 4.63 -2.13 12.33
C ILE B 48 3.49 -2.90 11.68
N GLN B 49 3.14 -4.08 12.22
CA GLN B 49 1.91 -4.75 11.84
C GLN B 49 1.10 -4.86 13.11
N PHE B 50 -0.14 -4.43 13.07
CA PHE B 50 -1.00 -4.54 14.25
C PHE B 50 -2.22 -5.28 13.78
N VAL B 51 -2.31 -6.55 14.16
CA VAL B 51 -3.34 -7.43 13.63
C VAL B 51 -4.24 -7.86 14.77
N HIS B 52 -5.51 -7.52 14.60
CA HIS B 52 -6.59 -7.83 15.53
C HIS B 52 -6.08 -7.82 16.95
N GLY B 53 -5.69 -6.63 17.38
CA GLY B 53 -5.44 -6.36 18.77
C GLY B 53 -4.06 -6.68 19.28
N GLU B 54 -3.12 -7.10 18.43
CA GLU B 54 -1.77 -7.18 18.97
C GLU B 54 -0.72 -6.92 17.89
N GLU B 55 0.40 -6.37 18.35
CA GLU B 55 1.54 -6.03 17.50
C GLU B 55 2.22 -7.29 16.97
N ASP B 56 2.46 -7.28 15.67
CA ASP B 56 3.31 -8.25 15.00
C ASP B 56 4.50 -7.52 14.38
N LEU B 57 5.71 -7.96 14.77
CA LEU B 57 6.95 -7.46 14.23
C LEU B 57 7.89 -8.61 13.85
N LYS B 58 7.34 -9.82 13.74
CA LYS B 58 8.02 -10.97 13.14
C LYS B 58 8.39 -10.70 11.69
N THR B 59 7.85 -9.64 11.08
CA THR B 59 8.21 -9.18 9.74
C THR B 59 8.79 -7.76 9.76
N GLN B 60 9.06 -7.22 10.94
CA GLN B 60 9.66 -5.90 11.01
C GLN B 60 11.09 -5.90 10.48
N HIS B 61 11.34 -4.98 9.56
CA HIS B 61 12.66 -4.77 9.00
C HIS B 61 13.63 -4.38 10.11
N SER B 62 14.92 -4.68 9.88
CA SER B 62 15.95 -4.49 10.89
C SER B 62 16.19 -3.00 11.17
N SER B 63 15.95 -2.14 10.18
CA SER B 63 16.22 -0.72 10.31
C SER B 63 15.36 -0.06 11.38
N TYR B 64 14.30 -0.72 11.83
CA TYR B 64 13.38 -0.17 12.83
C TYR B 64 13.40 -0.96 14.12
N ARG B 65 14.31 -1.92 14.26
CA ARG B 65 14.41 -2.68 15.50
C ARG B 65 14.55 -1.75 16.68
N GLN B 66 13.64 -1.88 17.65
CA GLN B 66 13.73 -1.22 18.95
C GLN B 66 13.40 0.27 18.91
N ARG B 67 13.12 0.85 17.72
CA ARG B 67 12.95 2.28 17.56
C ARG B 67 11.53 2.72 17.24
N ALA B 68 10.67 1.78 16.82
CA ALA B 68 9.33 2.09 16.36
C ALA B 68 8.29 1.61 17.37
N ARG B 69 7.27 2.40 17.57
CA ARG B 69 6.20 1.96 18.45
C ARG B 69 4.91 2.61 18.00
N LEU B 70 3.85 1.85 18.13
CA LEU B 70 2.51 2.32 17.80
C LEU B 70 1.83 2.68 19.12
N LEU B 71 1.32 3.90 19.22
CA LEU B 71 0.79 4.44 20.47
C LEU B 71 -0.60 3.86 20.71
N LYS B 72 -0.67 2.83 21.58
CA LYS B 72 -1.91 2.10 21.78
C LYS B 72 -3.04 3.03 22.20
N ASP B 73 -2.71 4.03 23.04
CA ASP B 73 -3.72 4.92 23.57
C ASP B 73 -4.39 5.70 22.45
N GLN B 74 -3.64 6.07 21.42
CA GLN B 74 -4.24 6.93 20.41
C GLN B 74 -5.02 6.14 19.40
N LEU B 75 -4.72 4.85 19.23
CA LEU B 75 -5.54 3.97 18.42
C LEU B 75 -6.98 4.03 18.91
N SER B 76 -7.14 3.95 20.23
CA SER B 76 -8.47 3.99 20.81
C SER B 76 -9.20 5.29 20.50
N LEU B 77 -8.47 6.34 20.09
CA LEU B 77 -9.07 7.59 19.63
C LEU B 77 -9.21 7.66 18.12
N GLY B 78 -8.85 6.60 17.41
CA GLY B 78 -8.87 6.63 15.97
C GLY B 78 -7.67 7.30 15.35
N ASN B 79 -6.54 7.31 16.05
CA ASN B 79 -5.28 7.87 15.55
C ASN B 79 -4.21 6.78 15.62
N ALA B 80 -3.73 6.31 14.46
CA ALA B 80 -2.74 5.24 14.42
C ALA B 80 -1.35 5.89 14.35
N ALA B 81 -0.98 6.55 15.45
CA ALA B 81 0.24 7.36 15.51
C ALA B 81 1.49 6.49 15.62
N LEU B 82 2.44 6.71 14.73
CA LEU B 82 3.69 5.96 14.72
C LEU B 82 4.81 6.83 15.25
N GLN B 83 5.51 6.34 16.29
CA GLN B 83 6.62 7.08 16.86
C GLN B 83 7.90 6.32 16.58
N ILE B 84 8.84 7.02 15.92
CA ILE B 84 10.19 6.56 15.63
C ILE B 84 11.13 7.41 16.47
N THR B 85 11.96 6.77 17.29
CA THR B 85 12.91 7.48 18.13
C THR B 85 14.28 7.55 17.43
N ASP B 86 15.01 8.63 17.76
CA ASP B 86 16.34 8.94 17.23
C ASP B 86 16.40 8.76 15.72
N VAL B 87 15.76 9.70 15.02
CA VAL B 87 15.59 9.60 13.58
C VAL B 87 16.95 9.76 12.91
N LYS B 88 17.18 8.95 11.87
CA LYS B 88 18.42 8.96 11.09
C LYS B 88 18.12 9.33 9.64
N LEU B 89 19.18 9.64 8.89
CA LEU B 89 19.03 10.01 7.48
C LEU B 89 18.34 8.92 6.67
N GLN B 90 18.57 7.66 7.02
CA GLN B 90 17.93 6.55 6.33
C GLN B 90 16.42 6.52 6.56
N ASP B 91 15.93 7.13 7.64
CA ASP B 91 14.48 7.21 7.86
C ASP B 91 13.77 8.17 6.90
N ALA B 92 14.48 8.96 6.11
CA ALA B 92 13.79 9.83 5.16
C ALA B 92 13.14 9.01 4.04
N GLY B 93 11.94 9.43 3.62
CA GLY B 93 11.27 8.74 2.52
C GLY B 93 9.75 8.75 2.67
N VAL B 94 9.10 7.86 1.91
CA VAL B 94 7.64 7.82 1.80
C VAL B 94 7.11 6.73 2.71
N TYR B 95 6.38 7.12 3.74
CA TYR B 95 5.72 6.19 4.65
C TYR B 95 4.30 5.97 4.15
N ARG B 96 3.78 4.78 4.41
CA ARG B 96 2.41 4.45 4.10
C ARG B 96 1.78 3.90 5.36
N CYS B 97 0.61 4.48 5.68
CA CYS B 97 -0.25 4.07 6.75
C CYS B 97 -1.44 3.35 6.13
N MET B 98 -1.61 2.06 6.40
CA MET B 98 -2.69 1.26 5.82
C MET B 98 -3.60 0.71 6.92
N ILE B 99 -4.86 1.08 6.87
CA ILE B 99 -5.80 0.73 7.93
C ILE B 99 -6.99 -0.01 7.35
N SER B 100 -7.36 -1.11 8.00
CA SER B 100 -8.54 -1.87 7.68
C SER B 100 -9.41 -1.90 8.93
N TYR B 101 -10.62 -1.35 8.82
CA TYR B 101 -11.51 -1.32 9.97
C TYR B 101 -12.93 -1.12 9.46
N GLY B 102 -13.59 -2.22 9.10
CA GLY B 102 -14.87 -2.13 8.43
C GLY B 102 -14.74 -1.22 7.21
N GLY B 103 -13.91 -1.61 6.26
CA GLY B 103 -13.40 -0.68 5.28
C GLY B 103 -11.89 -0.63 5.35
N ALA B 104 -11.29 -0.08 4.30
CA ALA B 104 -9.84 -0.06 4.19
C ALA B 104 -9.41 1.13 3.34
N ASP B 105 -8.30 1.75 3.75
CA ASP B 105 -7.73 2.86 3.01
C ASP B 105 -6.28 3.00 3.42
N TYR B 106 -5.55 3.83 2.68
CA TYR B 106 -4.20 4.12 3.11
C TYR B 106 -3.85 5.54 2.70
N LYS B 107 -2.83 6.07 3.35
CA LYS B 107 -2.28 7.35 2.98
C LYS B 107 -0.76 7.30 3.01
N ARG B 108 -0.16 8.19 2.22
CA ARG B 108 1.28 8.35 2.19
C ARG B 108 1.66 9.60 2.98
N ILE B 109 2.84 9.55 3.59
CA ILE B 109 3.40 10.64 4.36
C ILE B 109 4.88 10.76 3.99
N THR B 110 5.33 11.95 3.63
CA THR B 110 6.75 12.15 3.31
C THR B 110 7.51 12.64 4.53
N VAL B 111 8.67 12.04 4.80
CA VAL B 111 9.56 12.49 5.85
C VAL B 111 10.86 12.96 5.22
N LYS B 112 11.28 14.17 5.56
CA LYS B 112 12.60 14.71 5.23
C LYS B 112 13.42 14.81 6.51
N VAL B 113 14.70 14.51 6.42
CA VAL B 113 15.59 14.58 7.57
C VAL B 113 16.69 15.58 7.29
N ASN B 114 16.71 16.70 8.03
CA ASN B 114 17.86 17.59 8.00
C ASN B 114 18.95 17.02 8.90
N ALA B 115 20.20 17.08 8.43
CA ALA B 115 21.30 16.51 9.22
C ALA B 115 22.51 17.41 9.18
N PRO B 116 23.30 17.45 10.25
CA PRO B 116 24.60 18.14 10.19
C PRO B 116 25.55 17.42 9.23
N TYR B 117 26.62 18.15 8.87
CA TYR B 117 27.58 17.65 7.89
C TYR B 117 28.19 16.32 8.32
N ALA B 118 28.54 16.18 9.60
CA ALA B 118 29.22 14.96 10.06
C ALA B 118 28.33 13.72 9.91
N ALA B 119 27.06 13.83 10.31
CA ALA B 119 26.17 12.68 10.15
C ALA B 119 25.98 12.36 8.67
N ALA B 120 25.87 13.40 7.85
CA ALA B 120 25.71 13.20 6.42
C ALA B 120 26.94 12.53 5.82
N LEU B 121 28.12 12.89 6.32
CA LEU B 121 29.36 12.27 5.87
C LEU B 121 29.41 10.80 6.25
N HIS B 122 29.08 10.49 7.50
CA HIS B 122 29.08 9.10 7.96
C HIS B 122 28.13 8.26 7.13
N HIS B 123 26.97 8.82 6.83
CA HIS B 123 26.00 8.13 6.01
C HIS B 123 26.50 7.99 4.56
N HIS B 124 27.24 8.99 4.06
CA HIS B 124 27.69 9.00 2.67
C HIS B 124 28.73 7.91 2.37
N HIS B 125 29.59 7.59 3.35
CA HIS B 125 30.71 6.65 3.20
C HIS B 125 30.56 5.38 4.02
N HIS B 126 29.34 5.00 4.42
CA HIS B 126 29.16 3.73 5.16
C HIS B 126 28.99 2.60 4.17
#